data_9REN
#
_entry.id   9REN
#
_cell.length_a   51.944
_cell.length_b   71.243
_cell.length_c   97.133
_cell.angle_alpha   90.000
_cell.angle_beta   90.000
_cell.angle_gamma   90.000
#
_symmetry.space_group_name_H-M   'P 21 21 21'
#
loop_
_entity.id
_entity.type
_entity.pdbx_description
1 polymer 'cAMP-dependent protein kinase catalytic subunit alpha'
2 non-polymer (3~{a}~{S},10~{a}~{R})-8-fluoranyl-4-methyl-2,3,3~{a},10~{a}-tetrahydro-1~{H}-pyrrolo[3,4-b][1,4]benzoxazepin-5-one
3 non-polymer 'DIMETHYL SULFOXIDE'
4 water water
#
_entity_poly.entity_id   1
_entity_poly.type   'polypeptide(L)'
_entity_poly.pdbx_seq_one_letter_code
;GHMGNAAAAKKGSEQESVKEFLAKAKEEFLKKWESPSQNTAQLDHFDRIKTLGTGSFGRVMLVKHKETGNHYAMKILDKQ
KVVKLKQIEHTLNEKRILQAVNFPFLVKLEFSFKDNSNLYMVMEYVPGGEMFSHLRRIGRF(SEP)EPHARFYAAQIVLT
FEYLHSLDLIYRDLKPENLLIDQQGYIQVTDFGFAKRVKGRTW(TPO)LCGTPEYLAPEIILSKGYNKAVDWWALGVLIY
EMAAGYPPFFADQPIQIYEKIVSGKVRFPSHFSSDLKDLLRNLLQVDLTKRFGNLKNGVNDIKNHKWFATTDWIAIYQRK
VEAPFIPKFKGPGDTSNFDDYEEEEIRV(SEP)INEKCGKEFTEF
;
_entity_poly.pdbx_strand_id   A
#
loop_
_chem_comp.id
_chem_comp.type
_chem_comp.name
_chem_comp.formula
A1JEK non-polymer (3~{a}~{S},10~{a}~{R})-8-fluoranyl-4-methyl-2,3,3~{a},10~{a}-tetrahydro-1~{H}-pyrrolo[3,4-b][1,4]benzoxazepin-5-one 'C12 H13 F N2 O2'
DMS non-polymer 'DIMETHYL SULFOXIDE' 'C2 H6 O S'
#
# COMPACT_ATOMS: atom_id res chain seq x y z
N GLN A 15 -13.90 22.24 -3.19
CA GLN A 15 -13.31 22.75 -4.43
C GLN A 15 -13.91 22.05 -5.64
N GLU A 16 -14.45 22.85 -6.57
N GLU A 16 -14.44 22.84 -6.59
CA GLU A 16 -15.07 22.29 -7.78
CA GLU A 16 -15.08 22.27 -7.77
C GLU A 16 -14.10 21.39 -8.52
C GLU A 16 -14.12 21.43 -8.59
N SER A 17 -12.84 21.78 -8.58
CA SER A 17 -11.86 20.97 -9.31
C SER A 17 -11.71 19.61 -8.66
N VAL A 18 -11.66 19.55 -7.33
CA VAL A 18 -11.56 18.28 -6.63
C VAL A 18 -12.85 17.48 -6.80
N LYS A 19 -14.01 18.14 -6.69
CA LYS A 19 -15.27 17.42 -6.83
C LYS A 19 -15.39 16.78 -8.21
N GLU A 20 -15.11 17.55 -9.26
CA GLU A 20 -15.22 17.02 -10.62
C GLU A 20 -14.19 15.92 -10.84
N PHE A 21 -12.98 16.11 -10.30
CA PHE A 21 -11.98 15.07 -10.40
C PHE A 21 -12.45 13.78 -9.72
N LEU A 22 -12.97 13.86 -8.48
CA LEU A 22 -13.33 12.62 -7.81
C LEU A 22 -14.58 11.99 -8.41
N ALA A 23 -15.47 12.81 -8.99
CA ALA A 23 -16.65 12.24 -9.62
C ALA A 23 -16.27 11.44 -10.86
N LYS A 24 -15.38 12.01 -11.69
CA LYS A 24 -14.91 11.29 -12.85
C LYS A 24 -14.12 10.06 -12.42
N ALA A 25 -13.32 10.19 -11.36
CA ALA A 25 -12.56 9.03 -10.90
C ALA A 25 -13.47 7.88 -10.55
N LYS A 26 -14.58 8.17 -9.85
CA LYS A 26 -15.48 7.09 -9.45
C LYS A 26 -16.22 6.50 -10.65
N GLU A 27 -16.58 7.34 -11.63
CA GLU A 27 -17.19 6.86 -12.88
C GLU A 27 -16.28 5.87 -13.58
N GLU A 28 -14.99 6.19 -13.68
CA GLU A 28 -14.08 5.35 -14.45
C GLU A 28 -13.77 4.07 -13.69
N PHE A 29 -13.63 4.17 -12.36
CA PHE A 29 -13.46 2.99 -11.53
C PHE A 29 -14.65 2.04 -11.68
N LEU A 30 -15.89 2.56 -11.58
CA LEU A 30 -17.02 1.64 -11.57
C LEU A 30 -17.18 0.92 -12.91
N LYS A 31 -16.84 1.56 -14.01
CA LYS A 31 -16.96 0.87 -15.28
C LYS A 31 -16.06 -0.36 -15.36
N LYS A 32 -14.82 -0.24 -14.90
CA LYS A 32 -13.91 -1.37 -14.88
C LYS A 32 -14.25 -2.36 -13.76
N TRP A 33 -14.77 -1.87 -12.65
CA TRP A 33 -15.18 -2.71 -11.53
C TRP A 33 -16.23 -3.71 -11.97
N GLU A 34 -17.17 -3.23 -12.76
CA GLU A 34 -18.31 -4.03 -13.18
C GLU A 34 -17.98 -4.97 -14.33
N SER A 35 -16.87 -4.77 -15.02
CA SER A 35 -16.46 -5.62 -16.13
C SER A 35 -14.95 -5.85 -16.10
N PRO A 36 -14.48 -6.70 -15.17
CA PRO A 36 -13.02 -6.87 -15.01
C PRO A 36 -12.33 -7.56 -16.19
N SER A 37 -11.10 -7.13 -16.46
CA SER A 37 -10.29 -7.83 -17.44
C SER A 37 -9.76 -9.13 -16.83
N GLN A 38 -9.47 -10.09 -17.69
CA GLN A 38 -8.96 -11.37 -17.23
C GLN A 38 -8.13 -11.97 -18.35
N ASN A 39 -7.15 -12.80 -17.96
CA ASN A 39 -6.46 -13.68 -18.93
C ASN A 39 -5.75 -12.89 -20.03
N THR A 40 -4.91 -11.94 -19.64
CA THR A 40 -4.37 -11.05 -20.64
C THR A 40 -2.92 -11.40 -21.03
N ALA A 41 -2.29 -12.43 -20.45
CA ALA A 41 -0.98 -12.95 -20.93
C ALA A 41 -0.83 -14.40 -20.48
N GLN A 42 0.38 -15.00 -20.62
CA GLN A 42 0.63 -16.28 -19.96
C GLN A 42 2.10 -16.36 -19.55
N LEU A 43 2.42 -17.37 -18.73
CA LEU A 43 3.72 -17.41 -18.05
C LEU A 43 4.88 -17.47 -19.05
N ASP A 44 4.72 -18.26 -20.12
CA ASP A 44 5.82 -18.43 -21.07
C ASP A 44 5.99 -17.22 -22.00
N HIS A 45 5.23 -16.13 -21.78
CA HIS A 45 5.52 -14.86 -22.45
C HIS A 45 6.66 -14.11 -21.77
N PHE A 46 7.13 -14.59 -20.61
CA PHE A 46 8.10 -13.85 -19.79
C PHE A 46 9.31 -14.72 -19.47
N ASP A 47 10.46 -14.06 -19.33
CA ASP A 47 11.65 -14.68 -18.75
C ASP A 47 11.71 -14.25 -17.28
N ARG A 48 11.99 -15.20 -16.39
CA ARG A 48 12.16 -14.92 -14.98
C ARG A 48 13.59 -14.43 -14.69
N ILE A 49 13.71 -13.37 -13.89
N ILE A 49 13.71 -13.35 -13.91
CA ILE A 49 15.03 -12.77 -13.63
CA ILE A 49 15.01 -12.74 -13.64
C ILE A 49 15.44 -12.92 -12.17
C ILE A 49 15.44 -12.91 -12.18
N LYS A 50 14.60 -12.50 -11.22
CA LYS A 50 15.05 -12.47 -9.83
C LYS A 50 13.84 -12.35 -8.91
N THR A 51 13.94 -12.97 -7.73
CA THR A 51 12.87 -12.81 -6.73
C THR A 51 13.08 -11.50 -5.99
N LEU A 52 12.03 -10.66 -5.98
CA LEU A 52 12.03 -9.35 -5.32
C LEU A 52 11.43 -9.40 -3.91
N GLY A 53 10.74 -10.45 -3.55
CA GLY A 53 10.06 -10.53 -2.26
C GLY A 53 9.24 -11.80 -2.14
N THR A 54 9.01 -12.30 -0.91
CA THR A 54 8.26 -13.53 -0.68
C THR A 54 7.24 -13.30 0.43
N GLY A 55 6.27 -14.22 0.49
CA GLY A 55 5.23 -14.32 1.49
C GLY A 55 4.76 -15.75 1.68
N SER A 56 3.79 -15.92 2.56
CA SER A 56 3.33 -17.26 2.94
C SER A 56 2.51 -17.97 1.85
N PHE A 57 2.04 -17.27 0.81
CA PHE A 57 1.28 -17.91 -0.26
C PHE A 57 1.69 -17.43 -1.64
N GLY A 58 2.71 -16.56 -1.72
CA GLY A 58 3.08 -15.81 -2.90
C GLY A 58 4.52 -15.33 -2.87
N ARG A 59 4.95 -14.80 -4.01
N ARG A 59 4.95 -14.84 -4.03
CA ARG A 59 6.26 -14.17 -4.15
CA ARG A 59 6.28 -14.27 -4.27
C ARG A 59 6.19 -13.26 -5.35
C ARG A 59 6.09 -13.16 -5.26
N VAL A 60 7.07 -12.27 -5.35
CA VAL A 60 7.11 -11.28 -6.42
C VAL A 60 8.44 -11.44 -7.15
N MET A 61 8.38 -11.55 -8.48
N MET A 61 8.41 -11.55 -8.47
CA MET A 61 9.53 -11.76 -9.36
CA MET A 61 9.63 -11.76 -9.24
C MET A 61 9.71 -10.54 -10.26
C MET A 61 9.75 -10.71 -10.35
N LEU A 62 10.96 -10.21 -10.56
CA LEU A 62 11.24 -9.41 -11.76
C LEU A 62 11.23 -10.35 -12.95
N VAL A 63 10.47 -9.96 -13.99
CA VAL A 63 10.40 -10.72 -15.22
C VAL A 63 10.62 -9.77 -16.38
N LYS A 64 10.93 -10.31 -17.55
CA LYS A 64 11.10 -9.54 -18.76
C LYS A 64 10.19 -10.16 -19.81
N HIS A 65 9.36 -9.33 -20.42
CA HIS A 65 8.44 -9.84 -21.46
C HIS A 65 9.24 -10.10 -22.71
N LYS A 66 9.12 -11.31 -23.23
CA LYS A 66 10.03 -11.72 -24.30
C LYS A 66 9.84 -10.91 -25.58
N GLU A 67 8.61 -10.55 -25.95
CA GLU A 67 8.41 -9.89 -27.23
C GLU A 67 8.77 -8.40 -27.17
N THR A 68 8.48 -7.74 -26.06
CA THR A 68 8.75 -6.31 -26.02
C THR A 68 10.05 -5.95 -25.32
N GLY A 69 10.59 -6.83 -24.51
CA GLY A 69 11.74 -6.50 -23.70
C GLY A 69 11.42 -5.73 -22.45
N ASN A 70 10.15 -5.44 -22.15
CA ASN A 70 9.81 -4.61 -21.00
C ASN A 70 9.92 -5.43 -19.72
N HIS A 71 10.33 -4.79 -18.63
CA HIS A 71 10.44 -5.41 -17.32
C HIS A 71 9.15 -5.20 -16.57
N TYR A 72 8.78 -6.19 -15.78
CA TYR A 72 7.60 -6.13 -14.91
C TYR A 72 7.88 -6.84 -13.59
N ALA A 73 7.04 -6.57 -12.58
CA ALA A 73 7.08 -7.30 -11.32
C ALA A 73 5.89 -8.22 -11.30
N MET A 74 6.15 -9.50 -11.31
CA MET A 74 5.10 -10.52 -11.39
C MET A 74 4.86 -11.10 -10.00
N LYS A 75 3.64 -10.91 -9.47
CA LYS A 75 3.27 -11.54 -8.22
C LYS A 75 2.63 -12.88 -8.54
N ILE A 76 3.14 -13.95 -7.91
CA ILE A 76 2.72 -15.34 -8.18
C ILE A 76 2.11 -15.88 -6.91
N LEU A 77 0.82 -16.22 -6.97
CA LEU A 77 0.12 -16.77 -5.81
C LEU A 77 -0.21 -18.22 -6.06
N ASP A 78 0.20 -19.09 -5.14
CA ASP A 78 -0.12 -20.51 -5.22
C ASP A 78 -1.59 -20.72 -4.80
N LYS A 79 -2.42 -21.24 -5.72
CA LYS A 79 -3.85 -21.36 -5.45
C LYS A 79 -4.13 -22.22 -4.22
N GLN A 80 -3.46 -23.36 -4.12
CA GLN A 80 -3.66 -24.23 -2.95
C GLN A 80 -3.30 -23.54 -1.64
N LYS A 81 -2.22 -22.76 -1.64
CA LYS A 81 -1.87 -22.06 -0.39
C LYS A 81 -2.84 -20.93 -0.11
N VAL A 82 -3.34 -20.26 -1.15
CA VAL A 82 -4.35 -19.22 -0.94
C VAL A 82 -5.59 -19.82 -0.26
N VAL A 83 -5.98 -21.01 -0.69
CA VAL A 83 -7.15 -21.65 -0.08
C VAL A 83 -6.87 -22.01 1.38
N LYS A 84 -5.72 -22.65 1.63
CA LYS A 84 -5.39 -23.06 3.00
C LYS A 84 -5.34 -21.87 3.95
N LEU A 85 -4.81 -20.74 3.50
CA LEU A 85 -4.63 -19.60 4.38
C LEU A 85 -5.84 -18.67 4.40
N LYS A 86 -6.96 -19.08 3.78
CA LYS A 86 -8.24 -18.35 3.81
C LYS A 86 -8.17 -16.99 3.12
N GLN A 87 -7.42 -16.92 2.02
CA GLN A 87 -7.23 -15.68 1.28
C GLN A 87 -7.95 -15.64 -0.07
N ILE A 88 -8.93 -16.49 -0.32
CA ILE A 88 -9.55 -16.49 -1.66
C ILE A 88 -10.20 -15.13 -1.97
N GLU A 89 -11.15 -14.71 -1.13
CA GLU A 89 -11.83 -13.43 -1.33
C GLU A 89 -10.83 -12.28 -1.42
N HIS A 90 -9.83 -12.28 -0.54
CA HIS A 90 -8.82 -11.22 -0.56
C HIS A 90 -8.07 -11.19 -1.90
N THR A 91 -7.72 -12.37 -2.46
N THR A 91 -7.72 -12.37 -2.42
CA THR A 91 -7.01 -12.37 -3.74
CA THR A 91 -7.03 -12.39 -3.70
C THR A 91 -7.91 -11.93 -4.87
C THR A 91 -7.92 -11.87 -4.81
N LEU A 92 -9.22 -12.25 -4.79
CA LEU A 92 -10.13 -11.73 -5.81
C LEU A 92 -10.33 -10.23 -5.66
N ASN A 93 -10.41 -9.73 -4.41
CA ASN A 93 -10.46 -8.29 -4.17
C ASN A 93 -9.26 -7.63 -4.82
N GLU A 94 -8.05 -8.16 -4.54
CA GLU A 94 -6.83 -7.49 -4.97
C GLU A 94 -6.83 -7.33 -6.48
N LYS A 95 -7.14 -8.41 -7.20
CA LYS A 95 -7.03 -8.28 -8.63
C LYS A 95 -8.17 -7.42 -9.20
N ARG A 96 -9.41 -7.57 -8.67
CA ARG A 96 -10.49 -6.76 -9.21
C ARG A 96 -10.31 -5.27 -8.94
N ILE A 97 -9.76 -4.92 -7.78
CA ILE A 97 -9.50 -3.51 -7.47
C ILE A 97 -8.38 -2.98 -8.36
N LEU A 98 -7.25 -3.71 -8.43
CA LEU A 98 -6.11 -3.18 -9.16
C LEU A 98 -6.42 -3.00 -10.63
N GLN A 99 -7.20 -3.92 -11.21
CA GLN A 99 -7.51 -3.74 -12.61
C GLN A 99 -8.43 -2.54 -12.84
N ALA A 100 -9.10 -2.02 -11.79
CA ALA A 100 -10.07 -0.93 -11.97
C ALA A 100 -9.58 0.47 -11.55
N VAL A 101 -8.47 0.60 -10.79
CA VAL A 101 -8.00 1.89 -10.28
C VAL A 101 -7.00 2.49 -11.26
N ASN A 102 -6.76 3.79 -11.09
CA ASN A 102 -5.84 4.52 -11.95
C ASN A 102 -5.48 5.81 -11.20
N PHE A 103 -4.22 5.92 -10.71
CA PHE A 103 -3.85 7.09 -9.94
C PHE A 103 -2.33 7.22 -10.04
N PRO A 104 -1.77 8.43 -9.96
CA PRO A 104 -0.32 8.56 -10.24
C PRO A 104 0.58 7.84 -9.26
N PHE A 105 0.09 7.52 -8.06
CA PHE A 105 0.91 6.93 -7.01
C PHE A 105 0.47 5.50 -6.71
N LEU A 106 -0.30 4.87 -7.60
CA LEU A 106 -0.64 3.46 -7.46
C LEU A 106 0.08 2.67 -8.55
N VAL A 107 0.79 1.60 -8.14
CA VAL A 107 1.37 0.69 -9.12
C VAL A 107 0.29 0.20 -10.08
N LYS A 108 0.63 0.18 -11.35
CA LYS A 108 -0.30 -0.25 -12.38
C LYS A 108 -0.26 -1.77 -12.58
N LEU A 109 -1.44 -2.38 -12.66
CA LEU A 109 -1.55 -3.79 -13.09
C LEU A 109 -1.55 -3.85 -14.61
N GLU A 110 -0.54 -4.51 -15.19
CA GLU A 110 -0.41 -4.58 -16.64
C GLU A 110 -1.04 -5.85 -17.24
N PHE A 111 -0.92 -7.00 -16.61
CA PHE A 111 -1.52 -8.24 -17.07
C PHE A 111 -1.98 -9.03 -15.87
N SER A 112 -2.98 -9.88 -16.08
CA SER A 112 -3.25 -10.90 -15.08
C SER A 112 -3.67 -12.17 -15.80
N PHE A 113 -3.42 -13.32 -15.15
CA PHE A 113 -3.79 -14.59 -15.75
C PHE A 113 -3.66 -15.64 -14.66
N LYS A 114 -4.08 -16.86 -15.00
CA LYS A 114 -3.91 -17.98 -14.09
C LYS A 114 -3.60 -19.23 -14.91
N ASP A 115 -3.06 -20.23 -14.23
CA ASP A 115 -2.81 -21.52 -14.88
C ASP A 115 -3.20 -22.62 -13.91
N ASN A 116 -2.67 -23.83 -14.15
CA ASN A 116 -3.15 -24.93 -13.34
C ASN A 116 -2.86 -24.71 -11.86
N SER A 117 -1.74 -24.04 -11.52
CA SER A 117 -1.30 -23.94 -10.13
C SER A 117 -1.43 -22.57 -9.55
N ASN A 118 -1.23 -21.51 -10.34
CA ASN A 118 -1.00 -20.18 -9.76
C ASN A 118 -1.96 -19.14 -10.33
N LEU A 119 -2.03 -18.04 -9.58
CA LEU A 119 -2.57 -16.76 -10.05
C LEU A 119 -1.41 -15.81 -10.25
N TYR A 120 -1.52 -14.98 -11.27
CA TYR A 120 -0.43 -14.07 -11.60
C TYR A 120 -0.96 -12.67 -11.76
N MET A 121 -0.30 -11.69 -11.12
CA MET A 121 -0.60 -10.29 -11.32
C MET A 121 0.70 -9.63 -11.75
N VAL A 122 0.72 -9.11 -12.96
CA VAL A 122 1.95 -8.58 -13.55
C VAL A 122 1.82 -7.07 -13.46
N MET A 123 2.70 -6.46 -12.68
N MET A 123 2.64 -6.47 -12.59
CA MET A 123 2.65 -5.05 -12.37
CA MET A 123 2.61 -5.04 -12.29
C MET A 123 3.85 -4.33 -12.97
C MET A 123 3.79 -4.32 -12.93
N GLU A 124 3.74 -3.02 -13.07
N GLU A 124 3.70 -3.00 -12.95
CA GLU A 124 4.91 -2.26 -13.48
CA GLU A 124 4.86 -2.18 -13.26
C GLU A 124 6.02 -2.44 -12.45
C GLU A 124 6.03 -2.60 -12.38
N TYR A 125 7.24 -2.54 -12.94
CA TYR A 125 8.43 -2.69 -12.09
C TYR A 125 8.91 -1.30 -11.70
N VAL A 126 9.17 -1.12 -10.42
CA VAL A 126 9.59 0.17 -9.86
C VAL A 126 11.00 -0.04 -9.31
N PRO A 127 12.02 0.47 -10.02
N PRO A 127 12.05 0.35 -10.06
CA PRO A 127 13.41 0.05 -9.78
CA PRO A 127 13.42 -0.08 -9.70
C PRO A 127 14.07 0.68 -8.58
C PRO A 127 14.01 0.55 -8.45
N GLY A 128 13.41 1.63 -7.93
CA GLY A 128 14.01 2.32 -6.79
C GLY A 128 13.91 1.55 -5.50
N GLY A 129 13.13 0.47 -5.48
CA GLY A 129 13.03 -0.32 -4.27
C GLY A 129 12.01 0.20 -3.26
N GLU A 130 11.99 -0.45 -2.10
CA GLU A 130 11.03 -0.10 -1.05
C GLU A 130 11.46 1.10 -0.24
N MET A 131 10.49 1.93 0.13
CA MET A 131 10.77 3.03 1.05
C MET A 131 11.46 2.52 2.31
N PHE A 132 11.05 1.34 2.79
CA PHE A 132 11.68 0.77 3.98
C PHE A 132 13.20 0.72 3.92
N SER A 133 13.76 0.28 2.79
N SER A 133 13.76 0.28 2.79
CA SER A 133 15.20 0.19 2.65
CA SER A 133 15.21 0.18 2.69
C SER A 133 15.83 1.56 2.78
C SER A 133 15.86 1.55 2.75
N HIS A 134 15.29 2.54 2.07
CA HIS A 134 15.87 3.88 2.12
C HIS A 134 15.75 4.51 3.51
N LEU A 135 14.62 4.31 4.17
CA LEU A 135 14.45 4.83 5.53
C LEU A 135 15.50 4.25 6.46
N ARG A 136 15.69 2.93 6.40
CA ARG A 136 16.66 2.30 7.29
C ARG A 136 18.09 2.68 6.93
N ARG A 137 18.35 2.89 5.63
CA ARG A 137 19.69 3.29 5.21
C ARG A 137 20.02 4.73 5.65
N ILE A 138 19.08 5.65 5.51
CA ILE A 138 19.30 7.06 5.85
C ILE A 138 19.16 7.26 7.35
N GLY A 139 18.30 6.47 8.01
CA GLY A 139 18.07 6.55 9.45
C GLY A 139 16.70 7.13 9.74
N ARG A 140 16.47 8.38 9.35
CA ARG A 140 15.13 8.97 9.40
C ARG A 140 15.06 9.99 8.26
N PHE A 141 13.87 10.30 7.82
CA PHE A 141 13.68 11.35 6.84
C PHE A 141 13.46 12.70 7.52
N SEP A 142 14.01 13.75 6.93
CA SEP A 142 13.68 15.08 7.45
CB SEP A 142 14.42 16.14 6.65
OG SEP A 142 13.92 16.19 5.29
C SEP A 142 12.17 15.33 7.31
O SEP A 142 11.48 14.66 6.52
P SEP A 142 14.77 17.03 4.22
O1P SEP A 142 16.17 16.22 4.10
O2P SEP A 142 14.03 16.92 2.79
O3P SEP A 142 15.01 18.47 4.70
N GLU A 143 11.63 16.32 8.02
CA GLU A 143 10.19 16.55 7.89
C GLU A 143 9.77 16.92 6.47
N PRO A 144 10.55 17.73 5.71
CA PRO A 144 10.13 17.97 4.30
C PRO A 144 10.09 16.71 3.48
N HIS A 145 11.04 15.82 3.73
CA HIS A 145 11.11 14.56 2.97
C HIS A 145 9.92 13.65 3.34
N ALA A 146 9.66 13.49 4.64
CA ALA A 146 8.51 12.71 5.10
C ALA A 146 7.22 13.34 4.59
N ARG A 147 7.14 14.69 4.61
CA ARG A 147 5.93 15.39 4.14
C ARG A 147 5.66 15.17 2.64
N PHE A 148 6.73 15.14 1.82
CA PHE A 148 6.54 14.87 0.41
C PHE A 148 5.90 13.50 0.20
N TYR A 149 6.37 12.48 0.89
CA TYR A 149 5.76 11.16 0.77
C TYR A 149 4.38 11.12 1.41
N ALA A 150 4.20 11.76 2.56
CA ALA A 150 2.89 11.73 3.20
C ALA A 150 1.83 12.38 2.34
N ALA A 151 2.18 13.49 1.64
CA ALA A 151 1.20 14.16 0.78
C ALA A 151 0.70 13.22 -0.29
N GLN A 152 1.60 12.41 -0.88
CA GLN A 152 1.18 11.45 -1.90
C GLN A 152 0.21 10.42 -1.31
N ILE A 153 0.48 9.95 -0.07
CA ILE A 153 -0.41 9.00 0.57
C ILE A 153 -1.74 9.66 0.84
N VAL A 154 -1.75 10.91 1.32
CA VAL A 154 -3.02 11.60 1.57
C VAL A 154 -3.86 11.66 0.29
N LEU A 155 -3.25 12.08 -0.83
CA LEU A 155 -3.99 12.14 -2.09
C LEU A 155 -4.46 10.75 -2.53
N THR A 156 -3.63 9.73 -2.31
CA THR A 156 -3.99 8.38 -2.75
C THR A 156 -5.16 7.84 -1.94
N PHE A 157 -5.17 8.12 -0.63
CA PHE A 157 -6.29 7.72 0.21
C PHE A 157 -7.53 8.54 -0.10
N GLU A 158 -7.38 9.86 -0.36
CA GLU A 158 -8.55 10.62 -0.80
C GLU A 158 -9.19 9.94 -2.00
N TYR A 159 -8.36 9.56 -2.99
CA TYR A 159 -8.84 8.86 -4.18
C TYR A 159 -9.49 7.50 -3.82
N LEU A 160 -8.79 6.64 -3.09
CA LEU A 160 -9.32 5.29 -2.80
C LEU A 160 -10.60 5.37 -1.99
N HIS A 161 -10.57 6.19 -0.91
CA HIS A 161 -11.76 6.28 -0.07
C HIS A 161 -12.97 6.81 -0.83
N SER A 162 -12.75 7.70 -1.77
N SER A 162 -12.76 7.73 -1.77
CA SER A 162 -13.88 8.22 -2.55
CA SER A 162 -13.87 8.22 -2.58
C SER A 162 -14.52 7.15 -3.45
C SER A 162 -14.56 7.09 -3.35
N LEU A 163 -13.78 6.09 -3.76
CA LEU A 163 -14.26 4.92 -4.48
C LEU A 163 -14.82 3.86 -3.54
N ASP A 164 -14.98 4.18 -2.26
CA ASP A 164 -15.41 3.23 -1.23
C ASP A 164 -14.41 2.10 -1.00
N LEU A 165 -13.14 2.34 -1.26
CA LEU A 165 -12.10 1.35 -1.03
C LEU A 165 -11.35 1.68 0.25
N ILE A 166 -10.94 0.63 0.94
N ILE A 166 -11.04 0.64 1.02
CA ILE A 166 -10.09 0.73 2.14
CA ILE A 166 -10.10 0.76 2.16
C ILE A 166 -8.83 -0.06 1.86
C ILE A 166 -8.85 0.00 1.75
N TYR A 167 -7.67 0.54 2.09
CA TYR A 167 -6.41 -0.05 1.61
C TYR A 167 -5.87 -1.12 2.58
N ARG A 168 -5.74 -0.78 3.87
CA ARG A 168 -5.49 -1.75 4.96
C ARG A 168 -4.11 -2.39 4.97
N ASP A 169 -3.15 -1.88 4.21
CA ASP A 169 -1.81 -2.47 4.35
C ASP A 169 -0.73 -1.39 4.25
N LEU A 170 -1.00 -0.18 4.75
CA LEU A 170 0.03 0.87 4.67
C LEU A 170 1.18 0.54 5.60
N LYS A 171 2.39 0.53 5.04
CA LYS A 171 3.64 0.29 5.76
C LYS A 171 4.78 0.56 4.78
N PRO A 172 5.97 0.89 5.28
CA PRO A 172 7.05 1.32 4.37
C PRO A 172 7.45 0.29 3.33
N GLU A 173 7.29 -1.00 3.63
N GLU A 173 7.31 -1.01 3.63
CA GLU A 173 7.66 -2.02 2.65
CA GLU A 173 7.72 -1.99 2.62
C GLU A 173 6.80 -1.95 1.40
C GLU A 173 6.77 -2.02 1.43
N ASN A 174 5.57 -1.44 1.53
CA ASN A 174 4.65 -1.46 0.41
C ASN A 174 4.74 -0.22 -0.45
N LEU A 175 5.60 0.72 -0.10
CA LEU A 175 5.68 1.98 -0.84
C LEU A 175 6.99 1.98 -1.61
N LEU A 176 6.92 1.83 -2.93
CA LEU A 176 8.12 1.80 -3.73
C LEU A 176 8.47 3.19 -4.22
N ILE A 177 9.76 3.44 -4.46
CA ILE A 177 10.23 4.75 -4.92
C ILE A 177 10.58 4.64 -6.40
N ASP A 178 9.94 5.47 -7.22
CA ASP A 178 10.11 5.39 -8.66
C ASP A 178 11.30 6.22 -9.15
N GLN A 179 11.51 6.21 -10.46
CA GLN A 179 12.67 6.87 -11.05
C GLN A 179 12.69 8.36 -10.78
N GLN A 180 11.55 8.97 -10.54
CA GLN A 180 11.47 10.40 -10.26
C GLN A 180 11.43 10.68 -8.76
N GLY A 181 11.58 9.66 -7.90
CA GLY A 181 11.53 9.85 -6.46
C GLY A 181 10.14 9.87 -5.86
N TYR A 182 9.10 9.61 -6.67
CA TYR A 182 7.72 9.56 -6.16
C TYR A 182 7.33 8.17 -5.69
N ILE A 183 6.27 8.09 -4.87
CA ILE A 183 5.80 6.82 -4.32
C ILE A 183 4.93 6.07 -5.33
N GLN A 184 5.04 4.74 -5.30
N GLN A 184 5.06 4.74 -5.32
CA GLN A 184 4.08 3.85 -5.97
CA GLN A 184 4.12 3.82 -5.96
C GLN A 184 3.62 2.83 -4.94
C GLN A 184 3.65 2.87 -4.87
N VAL A 185 2.34 2.91 -4.55
CA VAL A 185 1.77 1.98 -3.56
C VAL A 185 1.54 0.63 -4.19
N THR A 186 1.97 -0.43 -3.52
N THR A 186 1.98 -0.42 -3.51
CA THR A 186 1.75 -1.78 -4.03
CA THR A 186 1.85 -1.80 -3.98
C THR A 186 1.17 -2.65 -2.92
C THR A 186 1.15 -2.64 -2.92
N ASP A 187 0.73 -3.83 -3.35
CA ASP A 187 0.13 -4.86 -2.51
C ASP A 187 -1.27 -4.45 -2.05
N PHE A 188 -2.23 -4.83 -2.89
CA PHE A 188 -3.65 -4.62 -2.62
C PHE A 188 -4.31 -5.86 -2.02
N GLY A 189 -3.49 -6.75 -1.45
CA GLY A 189 -3.99 -8.03 -0.95
C GLY A 189 -5.06 -7.89 0.13
N PHE A 190 -5.06 -6.78 0.87
CA PHE A 190 -6.07 -6.51 1.90
C PHE A 190 -7.03 -5.41 1.49
N ALA A 191 -6.90 -4.86 0.30
CA ALA A 191 -7.81 -3.77 -0.08
C ALA A 191 -9.21 -4.32 -0.35
N LYS A 192 -10.23 -3.51 -0.01
N LYS A 192 -10.23 -3.52 -0.02
CA LYS A 192 -11.59 -4.00 -0.13
CA LYS A 192 -11.59 -4.02 -0.09
C LYS A 192 -12.51 -2.86 -0.45
C LYS A 192 -12.54 -2.87 -0.40
N ARG A 193 -13.54 -3.13 -1.24
CA ARG A 193 -14.63 -2.16 -1.42
C ARG A 193 -15.64 -2.36 -0.31
N VAL A 194 -15.88 -1.28 0.45
N VAL A 194 -15.89 -1.29 0.46
CA VAL A 194 -16.53 -1.31 1.76
CA VAL A 194 -16.77 -1.31 1.64
C VAL A 194 -17.48 -0.13 1.82
C VAL A 194 -17.71 -0.11 1.55
N LYS A 195 -18.78 -0.39 1.82
N LYS A 195 -18.99 -0.34 1.75
CA LYS A 195 -19.75 0.63 2.20
CA LYS A 195 -19.91 0.80 1.82
C LYS A 195 -20.20 0.36 3.64
C LYS A 195 -20.01 1.41 3.22
N GLY A 196 -19.93 1.30 4.51
N GLY A 196 -19.75 0.61 4.25
CA GLY A 196 -20.24 1.12 5.91
CA GLY A 196 -19.91 1.06 5.62
C GLY A 196 -19.03 0.73 6.73
C GLY A 196 -18.75 0.51 6.43
N ARG A 197 -19.01 -0.50 7.22
CA ARG A 197 -17.94 -1.10 8.02
C ARG A 197 -17.52 -2.46 7.47
N THR A 198 -16.34 -2.90 7.92
CA THR A 198 -15.85 -4.24 7.65
C THR A 198 -15.19 -4.78 8.90
N TRP A 199 -14.90 -6.07 8.91
CA TRP A 199 -14.50 -6.76 10.16
C TRP A 199 -13.22 -7.59 10.13
N TPO A 200 -12.58 -7.78 8.97
CA TPO A 200 -11.48 -8.75 8.97
CB TPO A 200 -11.01 -9.01 7.55
CG2 TPO A 200 -9.91 -10.07 7.52
OG1 TPO A 200 -12.10 -9.50 6.84
P TPO A 200 -12.73 -8.60 5.58
O1P TPO A 200 -11.66 -8.64 4.53
O2P TPO A 200 -14.05 -9.26 5.26
O3P TPO A 200 -12.85 -7.19 6.17
C TPO A 200 -10.27 -8.28 9.80
O TPO A 200 -9.81 -7.15 9.62
N LEU A 201 -9.66 -9.19 10.55
CA LEU A 201 -8.37 -8.93 11.18
C LEU A 201 -7.29 -9.14 10.15
N CYS A 202 -6.66 -8.04 9.72
CA CYS A 202 -5.57 -8.12 8.76
C CYS A 202 -4.71 -6.87 8.91
N GLY A 203 -3.47 -6.99 8.47
CA GLY A 203 -2.48 -5.92 8.53
C GLY A 203 -1.31 -6.27 9.43
N THR A 204 -0.34 -5.45 9.41
CA THR A 204 0.86 -5.65 10.20
C THR A 204 0.68 -5.02 11.57
N PRO A 205 1.02 -5.73 12.64
CA PRO A 205 0.70 -5.28 14.01
C PRO A 205 1.01 -3.84 14.28
N GLU A 206 2.22 -3.37 13.93
CA GLU A 206 2.63 -2.02 14.28
C GLU A 206 1.71 -0.96 13.70
N TYR A 207 0.98 -1.29 12.63
N TYR A 207 0.98 -1.28 12.62
CA TYR A 207 0.19 -0.33 11.89
CA TYR A 207 0.19 -0.32 11.87
C TYR A 207 -1.30 -0.40 12.19
C TYR A 207 -1.30 -0.45 12.13
N LEU A 208 -1.74 -1.41 12.96
CA LEU A 208 -3.18 -1.61 13.17
C LEU A 208 -3.80 -0.53 14.07
N ALA A 209 -4.98 -0.06 13.65
CA ALA A 209 -5.75 0.87 14.49
C ALA A 209 -6.38 0.12 15.66
N PRO A 210 -6.65 0.82 16.76
CA PRO A 210 -7.25 0.15 17.93
C PRO A 210 -8.52 -0.61 17.61
N GLU A 211 -9.37 -0.08 16.73
CA GLU A 211 -10.65 -0.74 16.48
C GLU A 211 -10.48 -2.06 15.74
N ILE A 212 -9.34 -2.25 15.01
CA ILE A 212 -9.04 -3.56 14.45
C ILE A 212 -8.62 -4.53 15.55
N ILE A 213 -7.74 -4.09 16.44
CA ILE A 213 -7.26 -4.97 17.52
C ILE A 213 -8.41 -5.40 18.41
N LEU A 214 -9.39 -4.53 18.58
CA LEU A 214 -10.53 -4.77 19.48
C LEU A 214 -11.68 -5.48 18.80
N SER A 215 -11.48 -5.96 17.58
CA SER A 215 -12.46 -6.80 16.89
C SER A 215 -13.76 -6.04 16.60
N LYS A 216 -13.64 -4.73 16.39
N LYS A 216 -13.67 -4.72 16.41
CA LYS A 216 -14.81 -3.94 16.07
CA LYS A 216 -14.85 -3.92 16.13
C LYS A 216 -15.08 -3.99 14.56
C LYS A 216 -15.03 -3.80 14.61
N GLY A 217 -16.27 -3.51 14.18
CA GLY A 217 -16.48 -3.11 12.81
C GLY A 217 -15.78 -1.79 12.56
N TYR A 218 -15.04 -1.70 11.48
CA TYR A 218 -14.21 -0.53 11.24
C TYR A 218 -14.35 0.00 9.82
N ASN A 219 -13.82 1.20 9.58
N ASN A 219 -13.80 1.18 9.57
CA ASN A 219 -14.01 1.86 8.30
CA ASN A 219 -14.00 1.85 8.29
C ASN A 219 -12.68 2.46 7.83
C ASN A 219 -12.68 2.46 7.83
N LYS A 220 -12.76 3.38 6.87
CA LYS A 220 -11.56 4.03 6.31
C LYS A 220 -10.70 4.73 7.35
N ALA A 221 -11.26 5.04 8.54
CA ALA A 221 -10.44 5.66 9.57
C ALA A 221 -9.21 4.82 9.90
N VAL A 222 -9.20 3.49 9.66
CA VAL A 222 -8.00 2.71 10.00
C VAL A 222 -6.84 3.07 9.06
N ASP A 223 -7.14 3.53 7.81
CA ASP A 223 -6.07 3.96 6.91
C ASP A 223 -5.46 5.27 7.40
N TRP A 224 -6.28 6.17 7.96
CA TRP A 224 -5.74 7.42 8.49
C TRP A 224 -4.91 7.19 9.75
N TRP A 225 -5.31 6.24 10.60
CA TRP A 225 -4.46 5.85 11.73
C TRP A 225 -3.11 5.34 11.21
N ALA A 226 -3.15 4.45 10.21
CA ALA A 226 -1.92 3.90 9.64
C ALA A 226 -1.05 4.99 9.06
N LEU A 227 -1.66 6.04 8.49
CA LEU A 227 -0.85 7.16 8.01
C LEU A 227 -0.13 7.85 9.16
N GLY A 228 -0.80 8.03 10.30
CA GLY A 228 -0.13 8.56 11.48
C GLY A 228 1.08 7.71 11.86
N VAL A 229 0.93 6.39 11.86
CA VAL A 229 2.04 5.52 12.19
C VAL A 229 3.18 5.71 11.18
N LEU A 230 2.85 5.73 9.89
CA LEU A 230 3.84 5.87 8.82
C LEU A 230 4.58 7.20 8.95
N ILE A 231 3.86 8.29 9.16
CA ILE A 231 4.52 9.60 9.27
C ILE A 231 5.46 9.59 10.47
N TYR A 232 4.99 9.09 11.63
CA TYR A 232 5.87 8.96 12.79
C TYR A 232 7.11 8.15 12.44
N GLU A 233 6.94 6.98 11.82
CA GLU A 233 8.07 6.14 11.48
C GLU A 233 9.01 6.85 10.52
N MET A 234 8.49 7.51 9.49
CA MET A 234 9.39 8.21 8.56
C MET A 234 10.21 9.28 9.28
N ALA A 235 9.57 10.05 10.17
CA ALA A 235 10.26 11.18 10.77
C ALA A 235 11.13 10.79 11.95
N ALA A 236 10.81 9.70 12.65
CA ALA A 236 11.59 9.26 13.81
C ALA A 236 12.62 8.21 13.44
N GLY A 237 12.30 7.38 12.45
CA GLY A 237 13.10 6.23 12.03
C GLY A 237 12.64 4.92 12.62
N TYR A 238 11.64 4.94 13.50
CA TYR A 238 11.11 3.75 14.15
C TYR A 238 9.64 4.04 14.40
N PRO A 239 8.80 3.01 14.50
CA PRO A 239 7.33 3.26 14.66
C PRO A 239 7.00 3.57 16.10
N PRO A 240 5.83 4.15 16.34
CA PRO A 240 5.50 4.65 17.67
C PRO A 240 5.18 3.53 18.65
N PHE A 241 4.68 2.40 18.17
CA PHE A 241 4.31 1.28 19.02
C PHE A 241 5.11 0.04 18.59
N PHE A 242 5.99 -0.45 19.47
N PHE A 242 6.02 -0.44 19.44
CA PHE A 242 6.82 -1.59 19.13
CA PHE A 242 6.77 -1.64 19.09
C PHE A 242 7.05 -2.45 20.36
C PHE A 242 7.11 -2.43 20.33
N ALA A 243 7.28 -3.73 20.15
CA ALA A 243 7.55 -4.66 21.25
C ALA A 243 7.88 -6.01 20.63
N ASP A 244 8.40 -6.93 21.44
N ASP A 244 8.37 -6.92 21.48
CA ASP A 244 8.71 -8.22 20.83
CA ASP A 244 8.81 -8.23 21.03
C ASP A 244 7.45 -8.98 20.47
C ASP A 244 7.64 -9.17 20.74
N GLN A 245 6.45 -8.93 21.31
CA GLN A 245 5.28 -9.74 21.03
C GLN A 245 4.15 -8.89 20.51
N PRO A 246 3.38 -9.37 19.52
CA PRO A 246 2.21 -8.60 19.05
C PRO A 246 1.26 -8.18 20.17
N ILE A 247 0.99 -9.05 21.17
CA ILE A 247 0.09 -8.66 22.26
C ILE A 247 0.60 -7.44 23.01
N GLN A 248 1.93 -7.32 23.15
CA GLN A 248 2.46 -6.13 23.81
C GLN A 248 2.32 -4.91 22.91
N ILE A 249 2.51 -5.07 21.59
CA ILE A 249 2.25 -3.95 20.69
C ILE A 249 0.80 -3.50 20.81
N TYR A 250 -0.10 -4.47 20.84
CA TYR A 250 -1.52 -4.12 20.86
C TYR A 250 -1.88 -3.36 22.14
N GLU A 251 -1.32 -3.75 23.29
CA GLU A 251 -1.57 -3.01 24.52
C GLU A 251 -1.14 -1.56 24.39
N LYS A 252 0.02 -1.33 23.75
CA LYS A 252 0.49 0.04 23.54
C LYS A 252 -0.45 0.82 22.62
N ILE A 253 -0.90 0.17 21.54
CA ILE A 253 -1.77 0.84 20.57
C ILE A 253 -3.06 1.29 21.25
N VAL A 254 -3.68 0.38 22.01
CA VAL A 254 -4.99 0.71 22.56
C VAL A 254 -4.90 1.73 23.69
N SER A 255 -3.80 1.74 24.42
N SER A 255 -3.72 1.93 24.30
CA SER A 255 -3.53 2.87 25.29
CA SER A 255 -3.56 2.73 25.52
C SER A 255 -3.39 4.14 24.47
C SER A 255 -3.90 4.22 25.40
N GLY A 256 -2.75 4.03 23.30
N GLY A 256 -3.82 4.81 24.20
CA GLY A 256 -2.53 5.20 22.51
CA GLY A 256 -4.06 6.24 24.07
C GLY A 256 -1.50 6.16 23.08
C GLY A 256 -2.89 7.15 24.36
N LYS A 257 -0.85 5.78 24.18
N LYS A 257 -1.70 6.59 24.57
CA LYS A 257 0.21 6.61 24.75
CA LYS A 257 -0.48 7.36 24.82
C LYS A 257 1.34 6.66 23.74
C LYS A 257 0.52 7.10 23.71
N VAL A 258 1.57 7.83 23.16
N VAL A 258 1.42 8.07 23.52
CA VAL A 258 2.61 8.02 22.16
CA VAL A 258 2.53 7.98 22.58
C VAL A 258 3.53 9.13 22.62
C VAL A 258 3.53 9.04 23.02
N ARG A 259 4.81 8.83 22.72
CA ARG A 259 5.86 9.79 23.04
C ARG A 259 6.53 10.23 21.76
N PHE A 260 6.76 11.50 21.64
CA PHE A 260 7.37 12.00 20.41
C PHE A 260 8.81 12.40 20.65
N PRO A 261 9.71 12.15 19.69
CA PRO A 261 11.07 12.70 19.84
C PRO A 261 11.05 14.21 19.95
N SER A 262 12.00 14.76 20.73
CA SER A 262 12.10 16.21 20.87
C SER A 262 12.38 16.93 19.55
N HIS A 263 12.97 16.23 18.56
CA HIS A 263 13.24 16.92 17.32
C HIS A 263 12.00 17.11 16.47
N PHE A 264 10.88 16.43 16.77
CA PHE A 264 9.66 16.66 16.00
C PHE A 264 9.22 18.12 16.17
N SER A 265 8.79 18.71 15.07
CA SER A 265 8.17 20.04 15.16
C SER A 265 6.85 19.96 15.95
N SER A 266 6.46 21.11 16.51
N SER A 266 6.48 21.10 16.55
CA SER A 266 5.18 21.18 17.19
CA SER A 266 5.16 21.21 17.17
C SER A 266 4.02 20.89 16.24
C SER A 266 4.08 20.79 16.19
N ASP A 267 4.12 21.34 14.97
CA ASP A 267 3.08 21.03 13.98
C ASP A 267 3.00 19.53 13.70
N LEU A 268 4.13 18.85 13.60
CA LEU A 268 4.10 17.41 13.39
C LEU A 268 3.45 16.70 14.56
N LYS A 269 3.81 17.06 15.78
CA LYS A 269 3.20 16.41 16.95
C LYS A 269 1.69 16.62 16.95
N ASP A 270 1.24 17.84 16.61
CA ASP A 270 -0.18 18.09 16.60
C ASP A 270 -0.88 17.23 15.55
N LEU A 271 -0.34 17.15 14.33
CA LEU A 271 -0.98 16.29 13.32
C LEU A 271 -1.05 14.86 13.81
N LEU A 272 0.05 14.38 14.38
CA LEU A 272 0.11 12.97 14.81
C LEU A 272 -0.84 12.66 15.96
N ARG A 273 -1.01 13.60 16.89
N ARG A 273 -1.05 13.62 16.87
CA ARG A 273 -2.01 13.35 17.92
CA ARG A 273 -2.02 13.37 17.93
C ARG A 273 -3.40 13.18 17.32
C ARG A 273 -3.43 13.27 17.38
N ASN A 274 -3.70 13.91 16.25
CA ASN A 274 -5.02 13.82 15.63
C ASN A 274 -5.18 12.63 14.70
N LEU A 275 -4.10 12.11 14.10
CA LEU A 275 -4.18 10.86 13.34
C LEU A 275 -4.15 9.63 14.24
N LEU A 276 -3.31 9.65 15.28
CA LEU A 276 -3.18 8.56 16.24
C LEU A 276 -4.14 8.78 17.39
N GLN A 277 -5.34 9.20 17.04
CA GLN A 277 -6.45 9.32 17.98
C GLN A 277 -7.15 7.96 18.15
N VAL A 278 -7.19 7.47 19.38
N VAL A 278 -7.17 7.46 19.38
CA VAL A 278 -7.70 6.11 19.59
CA VAL A 278 -7.71 6.11 19.62
C VAL A 278 -9.20 6.03 19.37
C VAL A 278 -9.19 6.06 19.30
N ASP A 279 -9.92 7.15 19.57
CA ASP A 279 -11.36 7.19 19.31
C ASP A 279 -11.56 7.50 17.83
N LEU A 280 -12.04 6.52 17.07
CA LEU A 280 -12.15 6.72 15.62
C LEU A 280 -13.10 7.84 15.27
N THR A 281 -14.06 8.17 16.14
CA THR A 281 -15.02 9.25 15.85
C THR A 281 -14.41 10.64 16.01
N LYS A 282 -13.16 10.72 16.53
CA LYS A 282 -12.43 11.98 16.69
C LYS A 282 -11.18 12.04 15.82
N ARG A 283 -10.95 11.03 15.01
CA ARG A 283 -9.69 10.92 14.27
C ARG A 283 -9.71 11.75 12.98
N PHE A 284 -8.64 12.50 12.74
CA PHE A 284 -8.53 13.21 11.48
C PHE A 284 -8.65 12.26 10.28
N GLY A 285 -9.36 12.74 9.25
CA GLY A 285 -9.70 11.94 8.13
C GLY A 285 -11.09 11.31 8.23
N ASN A 286 -11.64 11.21 9.45
CA ASN A 286 -12.94 10.60 9.70
C ASN A 286 -13.93 11.58 10.33
N LEU A 287 -13.65 12.89 10.26
CA LEU A 287 -14.57 13.90 10.76
C LEU A 287 -15.41 14.46 9.63
N LYS A 288 -16.31 15.40 9.96
CA LYS A 288 -17.18 16.00 8.95
C LYS A 288 -16.41 16.51 7.74
N ASN A 289 -15.23 17.11 7.93
CA ASN A 289 -14.49 17.67 6.80
C ASN A 289 -13.56 16.67 6.14
N GLY A 290 -13.65 15.41 6.53
CA GLY A 290 -12.92 14.36 5.84
C GLY A 290 -11.45 14.70 5.65
N VAL A 291 -10.96 14.51 4.42
CA VAL A 291 -9.53 14.63 4.20
C VAL A 291 -9.08 16.08 4.36
N ASN A 292 -9.98 17.05 4.28
CA ASN A 292 -9.52 18.42 4.33
C ASN A 292 -8.96 18.83 5.69
N ASP A 293 -9.35 18.15 6.77
CA ASP A 293 -8.72 18.43 8.06
C ASP A 293 -7.24 18.11 8.03
N ILE A 294 -6.85 17.12 7.23
CA ILE A 294 -5.43 16.78 7.05
C ILE A 294 -4.77 17.72 6.06
N LYS A 295 -5.40 17.95 4.89
CA LYS A 295 -4.76 18.81 3.89
C LYS A 295 -4.53 20.23 4.39
N ASN A 296 -5.42 20.73 5.25
CA ASN A 296 -5.37 22.09 5.76
C ASN A 296 -4.61 22.20 7.05
N HIS A 297 -4.06 21.10 7.54
CA HIS A 297 -3.33 21.16 8.79
C HIS A 297 -2.03 21.94 8.59
N LYS A 298 -1.62 22.66 9.65
CA LYS A 298 -0.40 23.45 9.58
C LYS A 298 0.84 22.64 9.14
N TRP A 299 0.94 21.33 9.46
CA TRP A 299 2.15 20.66 9.04
C TRP A 299 2.24 20.59 7.54
N PHE A 300 1.11 20.65 6.84
CA PHE A 300 1.10 20.65 5.37
C PHE A 300 1.03 22.06 4.77
N ALA A 301 1.33 23.11 5.55
CA ALA A 301 1.13 24.46 5.03
C ALA A 301 1.97 24.75 3.79
N THR A 302 3.18 24.18 3.69
CA THR A 302 4.06 24.38 2.52
C THR A 302 3.70 23.48 1.33
N THR A 303 2.75 22.54 1.48
CA THR A 303 2.50 21.57 0.43
C THR A 303 1.58 22.14 -0.65
N ASP A 304 2.02 22.02 -1.89
CA ASP A 304 1.21 22.44 -3.03
C ASP A 304 0.59 21.15 -3.53
N TRP A 305 -0.66 20.90 -3.11
CA TRP A 305 -1.32 19.62 -3.41
C TRP A 305 -1.43 19.36 -4.91
N ILE A 306 -1.75 20.38 -5.70
CA ILE A 306 -1.85 20.23 -7.16
C ILE A 306 -0.49 19.86 -7.75
N ALA A 307 0.55 20.56 -7.32
CA ALA A 307 1.87 20.28 -7.86
C ALA A 307 2.33 18.87 -7.52
N ILE A 308 2.01 18.39 -6.31
CA ILE A 308 2.30 16.99 -5.98
C ILE A 308 1.59 16.05 -6.94
N TYR A 309 0.26 16.20 -7.05
CA TYR A 309 -0.52 15.33 -7.94
C TYR A 309 0.05 15.32 -9.36
N GLN A 310 0.41 16.50 -9.88
CA GLN A 310 0.93 16.63 -11.23
C GLN A 310 2.39 16.22 -11.35
N ARG A 311 3.01 15.81 -10.24
CA ARG A 311 4.41 15.36 -10.21
C ARG A 311 5.37 16.47 -10.66
N LYS A 312 5.09 17.70 -10.25
CA LYS A 312 5.91 18.81 -10.67
C LYS A 312 6.91 19.24 -9.60
N VAL A 313 6.80 18.70 -8.39
CA VAL A 313 7.72 18.98 -7.30
C VAL A 313 8.99 18.16 -7.47
N GLU A 314 10.16 18.80 -7.33
CA GLU A 314 11.40 18.02 -7.32
C GLU A 314 11.45 17.15 -6.07
N ALA A 315 11.72 15.87 -6.26
CA ALA A 315 11.70 14.98 -5.11
C ALA A 315 12.93 15.19 -4.23
N PRO A 316 12.81 14.90 -2.95
CA PRO A 316 13.97 15.06 -2.04
C PRO A 316 15.06 14.05 -2.29
N PHE A 317 14.75 12.95 -2.94
CA PHE A 317 15.67 11.85 -3.05
C PHE A 317 15.35 11.09 -4.35
N ILE A 318 16.35 10.82 -5.17
CA ILE A 318 16.22 10.04 -6.40
C ILE A 318 17.01 8.74 -6.20
N PRO A 319 16.38 7.57 -6.32
N PRO A 319 16.38 7.56 -6.27
CA PRO A 319 17.11 6.32 -6.06
CA PRO A 319 17.13 6.33 -6.03
C PRO A 319 18.16 6.06 -7.12
C PRO A 319 18.21 6.16 -7.09
N LYS A 320 19.26 5.46 -6.69
CA LYS A 320 20.40 5.18 -7.57
C LYS A 320 20.19 3.82 -8.22
N PHE A 321 20.12 3.81 -9.54
CA PHE A 321 20.01 2.53 -10.23
C PHE A 321 20.43 2.75 -11.68
N LYS A 322 20.77 1.66 -12.37
CA LYS A 322 21.44 1.80 -13.64
C LYS A 322 20.51 1.77 -14.83
N GLY A 323 19.31 1.21 -14.68
CA GLY A 323 18.40 1.09 -15.80
C GLY A 323 17.17 0.33 -15.34
N PRO A 324 16.23 0.13 -16.27
CA PRO A 324 14.91 -0.40 -15.92
C PRO A 324 14.92 -1.83 -15.42
N GLY A 325 16.01 -2.58 -15.60
CA GLY A 325 16.08 -3.93 -15.09
C GLY A 325 16.99 -4.05 -13.87
N ASP A 326 17.52 -2.94 -13.35
N ASP A 326 17.53 -2.93 -13.36
CA ASP A 326 18.45 -3.03 -12.23
CA ASP A 326 18.42 -2.97 -12.21
C ASP A 326 17.69 -3.41 -10.97
C ASP A 326 17.65 -3.43 -10.98
N THR A 327 18.19 -4.43 -10.25
CA THR A 327 17.59 -4.93 -9.01
C THR A 327 18.40 -4.59 -7.76
N SER A 328 19.38 -3.70 -7.89
N SER A 328 19.41 -3.74 -7.87
CA SER A 328 20.28 -3.38 -6.79
CA SER A 328 20.28 -3.47 -6.73
C SER A 328 19.55 -2.86 -5.55
C SER A 328 19.57 -2.83 -5.52
N ASN A 329 18.41 -2.22 -5.72
CA ASN A 329 17.70 -1.64 -4.58
C ASN A 329 16.79 -2.62 -3.87
N PHE A 330 16.69 -3.85 -4.36
CA PHE A 330 15.94 -4.92 -3.71
C PHE A 330 16.95 -5.89 -3.12
N ASP A 331 16.51 -6.67 -2.15
CA ASP A 331 17.42 -7.58 -1.47
C ASP A 331 17.31 -8.98 -2.03
N ASP A 332 18.18 -9.85 -1.53
CA ASP A 332 18.40 -11.17 -2.11
C ASP A 332 17.57 -12.20 -1.37
N TYR A 333 16.86 -13.03 -2.14
CA TYR A 333 16.03 -14.08 -1.61
C TYR A 333 16.44 -15.40 -2.27
N GLU A 334 16.21 -16.52 -1.57
CA GLU A 334 16.44 -17.82 -2.21
C GLU A 334 15.59 -17.93 -3.48
N GLU A 335 16.20 -18.44 -4.55
CA GLU A 335 15.52 -18.53 -5.84
C GLU A 335 14.88 -19.91 -6.00
N GLU A 336 13.56 -19.95 -6.07
CA GLU A 336 12.84 -21.21 -6.18
C GLU A 336 12.12 -21.29 -7.52
N GLU A 337 11.83 -22.54 -7.91
N GLU A 337 11.87 -22.49 -7.98
CA GLU A 337 11.07 -22.88 -9.13
CA GLU A 337 11.25 -22.50 -9.29
C GLU A 337 9.70 -22.20 -9.11
C GLU A 337 9.75 -22.28 -9.19
N ILE A 338 9.19 -21.85 -10.31
CA ILE A 338 7.74 -21.62 -10.49
C ILE A 338 7.19 -22.86 -11.16
N ARG A 339 6.57 -23.71 -10.37
CA ARG A 339 6.03 -24.94 -10.89
C ARG A 339 4.59 -24.76 -11.30
N VAL A 340 4.23 -25.42 -12.39
CA VAL A 340 2.85 -25.43 -12.82
C VAL A 340 2.46 -26.90 -12.92
N SEP A 341 1.47 -27.29 -12.14
CA SEP A 341 1.07 -28.68 -12.12
CB SEP A 341 0.04 -28.88 -11.01
OG SEP A 341 -0.47 -30.21 -11.03
C SEP A 341 0.50 -29.13 -13.47
O SEP A 341 -0.04 -28.34 -14.25
P SEP A 341 0.38 -31.40 -10.34
O1P SEP A 341 -0.71 -32.50 -10.00
O2P SEP A 341 1.44 -31.75 -11.49
O3P SEP A 341 1.09 -30.80 -9.03
N ILE A 342 0.64 -30.43 -13.74
CA ILE A 342 0.03 -31.03 -14.89
C ILE A 342 -1.49 -31.08 -14.78
N ASN A 343 -2.00 -30.94 -13.56
CA ASN A 343 -3.44 -31.01 -13.28
C ASN A 343 -3.92 -29.67 -12.71
N GLU A 344 -5.14 -29.27 -13.07
CA GLU A 344 -5.72 -28.02 -12.57
C GLU A 344 -6.04 -28.15 -11.07
N LYS A 345 -5.59 -27.16 -10.29
CA LYS A 345 -5.89 -27.08 -8.86
C LYS A 345 -6.88 -25.95 -8.61
N CYS A 346 -7.86 -26.21 -7.76
CA CYS A 346 -8.75 -25.16 -7.24
C CYS A 346 -9.39 -24.35 -8.36
N GLY A 347 -9.76 -24.98 -9.45
CA GLY A 347 -10.32 -24.22 -10.56
C GLY A 347 -11.61 -23.51 -10.19
N LYS A 348 -12.50 -24.21 -9.48
CA LYS A 348 -13.79 -23.65 -9.14
C LYS A 348 -13.62 -22.42 -8.25
N GLU A 349 -12.75 -22.50 -7.25
CA GLU A 349 -12.59 -21.41 -6.30
C GLU A 349 -12.14 -20.13 -7.00
N PHE A 350 -11.42 -20.25 -8.12
CA PHE A 350 -10.80 -19.09 -8.74
C PHE A 350 -11.41 -18.75 -10.09
N THR A 351 -12.65 -19.19 -10.33
CA THR A 351 -13.31 -18.97 -11.62
C THR A 351 -13.30 -17.50 -12.02
N GLU A 352 -13.53 -16.58 -11.05
CA GLU A 352 -13.67 -15.17 -11.35
C GLU A 352 -12.35 -14.48 -11.65
N PHE A 353 -11.25 -15.10 -11.33
CA PHE A 353 -9.95 -14.46 -11.52
C PHE A 353 -9.57 -14.38 -13.02
C11 A1JEK B . 5.06 -5.83 -4.93
C12 A1JEK B . 5.99 -5.17 -5.91
C01 A1JEK B . 6.58 -4.85 -1.60
C02 A1JEK B . 8.24 -6.41 -2.41
C03 A1JEK B . 5.44 -4.50 -6.98
C04 A1JEK B . 6.29 -3.94 -7.91
C05 A1JEK B . 7.64 -4.06 -7.75
C06 A1JEK B . 8.19 -4.76 -6.72
C07 A1JEK B . 7.35 -5.34 -5.82
C08 A1JEK B . 7.73 -5.62 -3.52
C09 A1JEK B . 6.47 -5.24 -3.01
C10 A1JEK B . 4.44 -6.58 -2.69
F01 A1JEK B . 8.48 -3.46 -8.63
N01 A1JEK B . 7.56 -5.90 -1.20
N02 A1JEK B . 5.34 -5.86 -3.61
O01 A1JEK B . 4.06 -6.39 -5.34
O02 A1JEK B . 7.94 -6.06 -4.81
S DMS C . -14.89 -9.27 -5.09
O DMS C . -15.14 -9.74 -6.51
C1 DMS C . -16.42 -8.52 -4.48
C2 DMS C . -14.97 -10.76 -4.06
S DMS D . -2.44 -9.86 12.51
O DMS D . -3.07 -9.25 11.29
C1 DMS D . -3.24 -11.48 12.72
C2 DMS D . -0.81 -10.46 12.00
S DMS E . -6.94 -20.19 -18.11
O DMS E . -5.98 -21.15 -17.46
C1 DMS E . -6.81 -20.48 -19.89
C2 DMS E . -8.60 -20.88 -17.90
S DMS F . -16.82 -8.66 19.91
O DMS F . -16.72 -8.94 21.39
C1 DMS F . -15.69 -9.81 19.09
C2 DMS F . -15.90 -7.14 19.63
S DMS G . 4.67 -10.96 -0.92
O DMS G . 4.57 -11.83 -2.13
C1 DMS G . 3.36 -9.72 -1.10
C2 DMS G . 6.13 -9.92 -1.16
#